data_3KL6
#
_entry.id   3KL6
#
_cell.length_a   49.002
_cell.length_b   70.345
_cell.length_c   78.546
_cell.angle_alpha   90.00
_cell.angle_beta   90.00
_cell.angle_gamma   90.00
#
_symmetry.space_group_name_H-M   'P 21 21 21'
#
loop_
_entity.id
_entity.type
_entity.pdbx_description
1 polymer 'Coagulation Factor X heavy chain'
2 polymer 'Coagulation Factor X light chain'
3 non-polymer 1-(1-{(2S)-3-[(6-chloronaphthalen-2-yl)sulfonyl]-2-hydroxypropanoyl}piperidin-4-yl)tetrahydropyrimidin-2(1H)-one
4 non-polymer 1,2-ETHANEDIOL
5 non-polymer 'CALCIUM ION'
6 water water
#
loop_
_entity_poly.entity_id
_entity_poly.type
_entity_poly.pdbx_seq_one_letter_code
_entity_poly.pdbx_strand_id
1 'polypeptide(L)'
;IVGGQECKDGECPWQALLINEENEGFCGGTILSEFYILTAAHCLYQAKRFKVRVGDRNTEQEEGGEAVHEVEVVIKHNRF
TKETYDFDIAVLRLKTPITFRMNVAPACLPERDWAESTLMTQKTGIVSGFGRTHEKGRQSTRLKMLEVPYVDRNSCKLSS
SFIITQNMFCAGYDTKQEDACQGDSGGPHVTRFKDTYFVTGIVSWGEGCARKGKYGIYTKVTAFLKWIDRSMKTRGLPKA
K
;
A
2 'polypeptide(L)' GRARKLCSLDNGDCDQFCHEEQNSVVCSCARGYTLADNGKACIPTGPYPCGKQTLER B
#
loop_
_chem_comp.id
_chem_comp.type
_chem_comp.name
_chem_comp.formula
443 non-polymer 1-(1-{(2S)-3-[(6-chloronaphthalen-2-yl)sulfonyl]-2-hydroxypropanoyl}piperidin-4-yl)tetrahydropyrimidin-2(1H)-one 'C22 H26 Cl N3 O5 S'
CA non-polymer 'CALCIUM ION' 'Ca 2'
EDO non-polymer 1,2-ETHANEDIOL 'C2 H6 O2'
#
# COMPACT_ATOMS: atom_id res chain seq x y z
N ILE A 1 -5.07 -7.84 -10.61
CA ILE A 1 -3.90 -7.25 -11.32
C ILE A 1 -3.92 -7.71 -12.77
N VAL A 2 -3.91 -6.73 -13.68
CA VAL A 2 -3.87 -6.95 -15.12
C VAL A 2 -2.42 -6.85 -15.57
N GLY A 3 -1.90 -7.91 -16.20
CA GLY A 3 -0.48 -7.96 -16.54
C GLY A 3 0.35 -8.28 -15.31
N GLY A 4 1.55 -7.70 -15.23
CA GLY A 4 2.44 -7.96 -14.10
C GLY A 4 2.86 -9.41 -14.02
N GLN A 5 3.11 -9.89 -12.81
CA GLN A 5 3.65 -11.23 -12.58
C GLN A 5 3.32 -11.73 -11.17
N GLU A 6 3.44 -13.04 -10.96
CA GLU A 6 3.22 -13.61 -9.62
C GLU A 6 4.30 -13.14 -8.65
N CYS A 7 3.90 -12.80 -7.41
CA CYS A 7 4.86 -12.52 -6.33
C CYS A 7 5.65 -13.80 -5.99
N LYS A 8 6.96 -13.66 -5.87
CA LYS A 8 7.82 -14.76 -5.45
C LYS A 8 7.82 -14.87 -3.92
N ASP A 9 8.27 -16.01 -3.42
CA ASP A 9 8.35 -16.23 -1.98
C ASP A 9 9.13 -15.09 -1.32
N GLY A 10 8.55 -14.50 -0.29
CA GLY A 10 9.20 -13.40 0.45
C GLY A 10 8.92 -12.01 -0.07
N GLU A 11 8.40 -11.91 -1.29
CA GLU A 11 8.39 -10.66 -2.05
C GLU A 11 7.37 -9.62 -1.66
N CYS A 12 6.16 -10.05 -1.31
CA CYS A 12 5.03 -9.13 -1.04
C CYS A 12 4.44 -9.41 0.37
N PRO A 13 5.28 -9.38 1.43
CA PRO A 13 4.82 -10.00 2.69
C PRO A 13 3.80 -9.19 3.47
N TRP A 14 3.59 -7.93 3.06
CA TRP A 14 2.65 -7.03 3.71
C TRP A 14 1.24 -7.17 3.12
N GLN A 15 1.07 -8.02 2.12
CA GLN A 15 -0.26 -8.21 1.54
C GLN A 15 -1.21 -8.92 2.51
N ALA A 16 -2.39 -8.33 2.67
CA ALA A 16 -3.49 -8.98 3.37
C ALA A 16 -4.66 -9.16 2.40
N LEU A 17 -5.49 -10.14 2.66
CA LEU A 17 -6.68 -10.40 1.85
C LEU A 17 -7.91 -10.37 2.74
N LEU A 18 -8.87 -9.52 2.40
CA LEU A 18 -10.15 -9.50 3.12
C LEU A 18 -11.07 -10.54 2.53
N ILE A 19 -11.62 -11.39 3.39
CA ILE A 19 -12.48 -12.47 2.92
C ILE A 19 -13.88 -12.31 3.52
N ASN A 20 -14.90 -12.44 2.69
CA ASN A 20 -16.28 -12.23 3.12
C ASN A 20 -16.88 -13.48 3.79
N GLU A 21 -18.18 -13.44 4.07
CA GLU A 21 -18.87 -14.50 4.80
C GLU A 21 -18.92 -15.82 4.03
N GLU A 22 -18.75 -15.73 2.71
CA GLU A 22 -18.69 -16.90 1.83
C GLU A 22 -17.24 -17.31 1.57
N ASN A 23 -16.31 -16.75 2.36
CA ASN A 23 -14.89 -17.07 2.30
C ASN A 23 -14.16 -16.66 1.02
N GLU A 24 -14.79 -15.74 0.26
CA GLU A 24 -14.23 -15.25 -0.99
C GLU A 24 -13.45 -13.96 -0.73
N GLY A 25 -12.26 -13.86 -1.32
CA GLY A 25 -11.47 -12.64 -1.26
C GLY A 25 -12.20 -11.57 -2.05
N PHE A 26 -12.28 -10.36 -1.50
CA PHE A 26 -12.97 -9.27 -2.20
C PHE A 26 -12.23 -7.96 -2.19
N CYS A 27 -11.20 -7.86 -1.34
CA CYS A 27 -10.38 -6.66 -1.23
C CYS A 27 -9.04 -7.05 -0.63
N GLY A 28 -8.06 -6.17 -0.81
CA GLY A 28 -6.75 -6.32 -0.18
C GLY A 28 -6.63 -5.41 1.03
N GLY A 29 -5.48 -5.51 1.67
CA GLY A 29 -5.06 -4.60 2.74
C GLY A 29 -3.55 -4.67 2.84
N THR A 30 -2.99 -3.79 3.67
CA THR A 30 -1.54 -3.73 3.91
C THR A 30 -1.28 -3.90 5.40
N ILE A 31 -0.42 -4.86 5.76
CA ILE A 31 -0.03 -5.05 7.16
C ILE A 31 0.82 -3.87 7.60
N LEU A 32 0.39 -3.19 8.68
CA LEU A 32 1.14 -2.06 9.23
C LEU A 32 1.84 -2.41 10.53
N SER A 33 1.29 -3.38 11.26
CA SER A 33 1.86 -3.81 12.53
C SER A 33 1.22 -5.14 12.92
N GLU A 34 1.57 -5.66 14.08
CA GLU A 34 0.99 -6.93 14.53
C GLU A 34 -0.54 -6.88 14.71
N PHE A 35 -1.08 -5.68 14.94
CA PHE A 35 -2.51 -5.52 15.19
C PHE A 35 -3.29 -4.76 14.12
N TYR A 36 -2.62 -4.06 13.20
CA TYR A 36 -3.33 -3.13 12.32
C TYR A 36 -3.10 -3.39 10.84
N ILE A 37 -4.21 -3.31 10.08
CA ILE A 37 -4.22 -3.47 8.63
C ILE A 37 -4.76 -2.19 8.02
N LEU A 38 -4.10 -1.70 6.98
CA LEU A 38 -4.59 -0.55 6.23
C LEU A 38 -5.41 -1.04 5.04
N THR A 39 -6.58 -0.44 4.82
CA THR A 39 -7.40 -0.78 3.64
C THR A 39 -8.17 0.44 3.14
N ALA A 40 -9.07 0.24 2.17
CA ALA A 40 -9.91 1.31 1.64
C ALA A 40 -11.24 1.33 2.39
N ALA A 41 -11.76 2.53 2.63
CA ALA A 41 -13.08 2.67 3.22
C ALA A 41 -14.15 2.01 2.38
N HIS A 42 -14.02 2.08 1.05
CA HIS A 42 -15.07 1.51 0.20
C HIS A 42 -15.20 -0.01 0.35
N CYS A 43 -14.11 -0.65 0.77
CA CYS A 43 -14.13 -2.09 0.97
C CYS A 43 -15.12 -2.51 2.04
N LEU A 44 -15.38 -1.62 3.00
CA LEU A 44 -16.28 -1.89 4.11
C LEU A 44 -17.72 -2.05 3.67
N TYR A 45 -18.02 -1.68 2.42
CA TYR A 45 -19.39 -1.74 1.91
C TYR A 45 -19.57 -2.84 0.88
N GLN A 46 -18.60 -3.75 0.82
CA GLN A 46 -18.67 -4.90 -0.07
C GLN A 46 -19.15 -6.14 0.65
N ALA A 47 -18.98 -6.16 1.97
CA ALA A 47 -19.37 -7.29 2.80
C ALA A 47 -19.80 -6.82 4.18
N LYS A 48 -20.90 -7.37 4.68
CA LYS A 48 -21.39 -7.05 6.02
C LYS A 48 -20.31 -7.37 7.05
N ARG A 49 -19.92 -8.64 7.07
CA ARG A 49 -18.86 -9.13 7.95
C ARG A 49 -17.74 -9.76 7.13
N PHE A 50 -16.50 -9.59 7.59
CA PHE A 50 -15.33 -10.12 6.90
C PHE A 50 -14.20 -10.43 7.88
N LYS A 51 -13.24 -11.22 7.41
CA LYS A 51 -12.04 -11.52 8.19
C LYS A 51 -10.82 -11.18 7.33
N VAL A 52 -9.63 -11.31 7.89
CA VAL A 52 -8.38 -10.94 7.20
C VAL A 52 -7.44 -12.13 7.12
N ARG A 53 -7.03 -12.50 5.91
CA ARG A 53 -6.07 -13.59 5.74
C ARG A 53 -4.69 -13.02 5.47
N VAL A 54 -3.69 -13.58 6.14
CA VAL A 54 -2.30 -13.20 5.90
C VAL A 54 -1.49 -14.43 5.54
N GLY A 55 -0.41 -14.23 4.80
CA GLY A 55 0.46 -15.34 4.39
C GLY A 55 -0.11 -16.17 3.26
N ASP A 56 -1.20 -15.71 2.66
CA ASP A 56 -1.86 -16.40 1.55
C ASP A 56 -1.16 -16.05 0.25
N ARG A 57 -0.83 -17.08 -0.53
CA ARG A 57 -0.20 -16.87 -1.83
C ARG A 57 -1.07 -17.51 -2.92
N ASN A 58 -1.82 -18.53 -2.51
CA ASN A 58 -2.66 -19.34 -3.40
C ASN A 58 -4.04 -19.56 -2.74
N THR A 59 -5.08 -18.92 -3.27
CA THR A 59 -6.40 -18.93 -2.62
C THR A 59 -7.14 -20.27 -2.65
N GLU A 60 -6.75 -21.14 -3.57
CA GLU A 60 -7.45 -22.43 -3.70
C GLU A 60 -6.76 -23.58 -2.96
N GLN A 61 -5.63 -23.28 -2.31
CA GLN A 61 -4.85 -24.28 -1.58
C GLN A 61 -4.48 -23.87 -0.17
N GLU A 62 -4.47 -24.87 0.73
CA GLU A 62 -3.93 -24.71 2.07
C GLU A 62 -2.41 -24.74 1.99
N GLU A 63 -1.75 -23.85 2.73
CA GLU A 63 -0.30 -23.69 2.63
C GLU A 63 0.45 -24.13 3.89
N GLY A 64 -0.14 -23.88 5.04
CA GLY A 64 0.51 -24.18 6.31
C GLY A 64 1.26 -23.00 6.89
N GLY A 65 1.26 -21.88 6.16
CA GLY A 65 1.84 -20.63 6.61
C GLY A 65 0.82 -19.50 6.69
N GLU A 66 -0.38 -19.76 6.17
CA GLU A 66 -1.44 -18.75 6.17
C GLU A 66 -2.27 -18.79 7.44
N ALA A 67 -2.81 -17.63 7.80
CA ALA A 67 -3.64 -17.49 8.99
C ALA A 67 -4.79 -16.54 8.72
N VAL A 68 -5.91 -16.78 9.38
CA VAL A 68 -7.08 -15.91 9.30
C VAL A 68 -7.28 -15.23 10.66
N HIS A 69 -7.41 -13.90 10.60
CA HIS A 69 -7.64 -13.07 11.79
C HIS A 69 -9.01 -12.39 11.72
N GLU A 70 -9.71 -12.40 12.85
CA GLU A 70 -10.96 -11.64 12.96
C GLU A 70 -10.65 -10.18 13.29
N VAL A 71 -11.58 -9.31 12.94
CA VAL A 71 -11.42 -7.88 13.13
C VAL A 71 -12.08 -7.46 14.44
N GLU A 72 -11.32 -6.77 15.29
CA GLU A 72 -11.84 -6.22 16.54
C GLU A 72 -12.64 -4.93 16.32
N VAL A 73 -12.06 -3.99 15.57
CA VAL A 73 -12.74 -2.74 15.30
C VAL A 73 -12.31 -2.20 13.94
N VAL A 74 -13.26 -1.55 13.28
CA VAL A 74 -13.05 -0.85 12.02
C VAL A 74 -12.98 0.65 12.30
N ILE A 75 -11.93 1.30 11.82
CA ILE A 75 -11.77 2.75 11.92
C ILE A 75 -11.82 3.32 10.50
N LYS A 76 -12.99 3.83 10.12
CA LYS A 76 -13.21 4.38 8.79
C LYS A 76 -13.08 5.90 8.84
N HIS A 77 -12.46 6.49 7.81
CA HIS A 77 -12.41 7.94 7.74
C HIS A 77 -13.80 8.55 7.61
N ASN A 78 -14.09 9.51 8.49
CA ASN A 78 -15.37 10.25 8.57
C ASN A 78 -15.82 10.95 7.31
N ARG A 79 -14.87 11.27 6.44
CA ARG A 79 -15.18 12.10 5.28
C ARG A 79 -15.28 11.30 3.97
N PHE A 80 -15.11 9.98 4.06
CA PHE A 80 -15.35 9.14 2.88
C PHE A 80 -16.83 9.19 2.49
N THR A 81 -17.08 9.36 1.19
CA THR A 81 -18.43 9.18 0.63
C THR A 81 -18.35 8.37 -0.66
N LYS A 82 -19.40 7.62 -0.96
CA LYS A 82 -19.49 6.86 -2.21
C LYS A 82 -19.58 7.77 -3.44
N GLU A 83 -20.06 9.00 -3.23
CA GLU A 83 -20.23 9.95 -4.31
C GLU A 83 -18.89 10.44 -4.86
N THR A 84 -17.89 10.57 -4.00
CA THR A 84 -16.62 11.19 -4.37
C THR A 84 -15.46 10.20 -4.35
N TYR A 85 -15.58 9.15 -3.54
CA TYR A 85 -14.46 8.25 -3.21
C TYR A 85 -13.25 8.97 -2.59
N ASP A 86 -13.47 10.21 -2.15
CA ASP A 86 -12.44 10.98 -1.45
C ASP A 86 -12.28 10.38 -0.05
N PHE A 87 -11.10 10.53 0.53
CA PHE A 87 -10.81 10.01 1.89
C PHE A 87 -11.05 8.50 1.96
N ASP A 88 -10.63 7.78 0.91
CA ASP A 88 -10.87 6.33 0.82
C ASP A 88 -9.83 5.55 1.63
N ILE A 89 -10.03 5.56 2.94
CA ILE A 89 -9.07 4.97 3.86
C ILE A 89 -9.76 4.45 5.12
N ALA A 90 -9.31 3.29 5.57
CA ALA A 90 -9.75 2.69 6.82
C ALA A 90 -8.61 1.92 7.42
N VAL A 91 -8.65 1.76 8.74
CA VAL A 91 -7.71 0.93 9.47
C VAL A 91 -8.50 -0.15 10.22
N LEU A 92 -7.98 -1.37 10.20
CA LEU A 92 -8.59 -2.50 10.90
C LEU A 92 -7.69 -2.89 12.07
N ARG A 93 -8.27 -3.01 13.25
CA ARG A 93 -7.57 -3.55 14.42
C ARG A 93 -7.99 -5.00 14.53
N LEU A 94 -7.02 -5.93 14.57
CA LEU A 94 -7.31 -7.37 14.65
C LEU A 94 -7.52 -7.82 16.10
N LYS A 95 -8.32 -8.87 16.29
CA LYS A 95 -8.56 -9.43 17.63
C LYS A 95 -7.31 -10.09 18.22
N THR A 96 -6.55 -10.76 17.37
CA THR A 96 -5.34 -11.48 17.80
C THR A 96 -4.17 -10.96 16.98
N PRO A 97 -2.99 -10.84 17.59
CA PRO A 97 -1.84 -10.29 16.85
C PRO A 97 -1.27 -11.24 15.81
N ILE A 98 -0.76 -10.64 14.73
CA ILE A 98 -0.05 -11.37 13.70
C ILE A 98 1.35 -11.72 14.20
N THR A 99 1.76 -12.97 13.97
CA THR A 99 3.14 -13.37 14.19
C THR A 99 3.89 -13.23 12.87
N PHE A 100 4.83 -12.29 12.82
CA PHE A 100 5.60 -12.10 11.59
C PHE A 100 6.48 -13.32 11.31
N ARG A 101 6.56 -13.68 10.04
CA ARG A 101 7.19 -14.93 9.60
C ARG A 101 7.36 -14.84 8.09
N MET A 102 7.77 -15.92 7.44
CA MET A 102 7.89 -15.91 5.99
C MET A 102 6.58 -15.47 5.35
N ASN A 103 6.67 -14.52 4.43
CA ASN A 103 5.50 -13.98 3.70
C ASN A 103 4.52 -13.17 4.55
N VAL A 104 4.93 -12.81 5.77
CA VAL A 104 4.09 -12.03 6.67
C VAL A 104 4.94 -11.00 7.44
N ALA A 105 4.89 -9.74 7.00
CA ALA A 105 5.72 -8.68 7.58
C ALA A 105 5.10 -7.33 7.23
N PRO A 106 5.35 -6.31 8.05
CA PRO A 106 4.70 -5.02 7.80
C PRO A 106 5.42 -4.15 6.75
N ALA A 107 4.66 -3.34 6.02
CA ALA A 107 5.24 -2.28 5.19
C ALA A 107 5.57 -1.09 6.09
N CYS A 108 6.56 -0.29 5.70
CA CYS A 108 6.88 0.91 6.48
C CYS A 108 5.97 2.07 6.16
N LEU A 109 5.54 2.79 7.18
CA LEU A 109 4.87 4.06 6.94
C LEU A 109 5.91 5.12 6.61
N PRO A 110 5.66 5.91 5.55
CA PRO A 110 6.58 6.98 5.23
C PRO A 110 6.40 8.18 6.17
N GLU A 111 7.28 9.16 6.02
CA GLU A 111 7.25 10.40 6.78
C GLU A 111 6.80 11.47 5.78
N ARG A 112 5.85 12.33 6.18
CA ARG A 112 5.05 13.08 5.22
C ARG A 112 5.80 13.98 4.24
N ASP A 113 6.46 15.02 4.75
CA ASP A 113 7.10 15.98 3.86
C ASP A 113 8.30 15.38 3.12
N TRP A 114 9.05 14.50 3.78
CA TRP A 114 10.12 13.80 3.09
C TRP A 114 9.55 12.95 1.95
N ALA A 115 8.45 12.23 2.21
CA ALA A 115 7.88 11.36 1.18
C ALA A 115 7.29 12.15 0.03
N GLU A 116 6.64 13.28 0.32
CA GLU A 116 6.11 14.15 -0.72
C GLU A 116 7.20 14.62 -1.66
N SER A 117 8.39 14.88 -1.11
CA SER A 117 9.49 15.47 -1.85
C SER A 117 10.44 14.45 -2.49
N THR A 118 10.51 13.25 -1.94
CA THR A 118 11.56 12.31 -2.32
C THR A 118 11.04 10.92 -2.71
N LEU A 119 9.92 10.52 -2.13
CA LEU A 119 9.36 9.20 -2.39
C LEU A 119 8.32 9.21 -3.52
N MET A 120 7.36 10.13 -3.45
CA MET A 120 6.34 10.32 -4.49
C MET A 120 6.92 10.81 -5.81
N THR A 121 8.20 11.19 -5.80
CA THR A 121 8.86 11.73 -6.99
C THR A 121 9.70 10.67 -7.70
N GLN A 122 9.69 9.44 -7.18
CA GLN A 122 10.32 8.30 -7.84
C GLN A 122 9.55 7.99 -9.11
N LYS A 123 10.17 7.24 -10.02
CA LYS A 123 9.52 6.94 -11.29
C LYS A 123 8.33 5.99 -11.14
N THR A 124 8.45 5.02 -10.25
CA THR A 124 7.47 3.94 -10.14
C THR A 124 7.23 3.45 -8.73
N GLY A 125 6.09 2.79 -8.55
CA GLY A 125 5.79 2.00 -7.37
C GLY A 125 5.32 0.62 -7.78
N ILE A 126 4.93 -0.19 -6.79
CA ILE A 126 4.45 -1.54 -7.05
C ILE A 126 3.10 -1.73 -6.39
N VAL A 127 2.15 -2.25 -7.15
CA VAL A 127 0.82 -2.58 -6.64
C VAL A 127 0.67 -4.10 -6.66
N SER A 128 -0.07 -4.65 -5.69
CA SER A 128 -0.21 -6.10 -5.61
C SER A 128 -1.61 -6.49 -5.21
N GLY A 129 -1.99 -7.72 -5.55
CA GLY A 129 -3.30 -8.22 -5.16
C GLY A 129 -3.75 -9.49 -5.84
N PHE A 130 -4.93 -9.94 -5.43
CA PHE A 130 -5.58 -11.15 -5.90
C PHE A 130 -6.78 -10.82 -6.79
N GLY A 131 -6.90 -9.57 -7.22
CA GLY A 131 -8.05 -9.15 -8.01
C GLY A 131 -8.11 -9.65 -9.44
N ARG A 132 -9.10 -9.16 -10.17
CA ARG A 132 -9.35 -9.56 -11.54
C ARG A 132 -8.11 -9.37 -12.42
N THR A 133 -7.92 -10.29 -13.37
CA THR A 133 -6.72 -10.28 -14.21
C THR A 133 -6.93 -9.53 -15.53
N HIS A 134 -8.16 -9.05 -15.73
CA HIS A 134 -8.50 -8.05 -16.75
C HIS A 134 -9.90 -7.54 -16.44
N GLU A 135 -10.35 -6.49 -17.13
CA GLU A 135 -11.72 -6.02 -16.92
C GLU A 135 -12.69 -7.13 -17.35
N LYS A 136 -13.61 -7.48 -16.44
CA LYS A 136 -14.53 -8.63 -16.61
C LYS A 136 -13.88 -9.99 -16.34
N GLY A 137 -12.59 -9.99 -16.03
CA GLY A 137 -11.83 -11.23 -15.85
C GLY A 137 -12.01 -11.88 -14.50
N ARG A 138 -11.61 -13.14 -14.42
CA ARG A 138 -11.62 -13.86 -13.15
C ARG A 138 -10.56 -13.30 -12.21
N GLN A 139 -10.79 -13.44 -10.91
CA GLN A 139 -9.76 -13.10 -9.95
C GLN A 139 -8.61 -14.08 -10.07
N SER A 140 -7.45 -13.65 -9.59
CA SER A 140 -6.27 -14.48 -9.60
C SER A 140 -6.23 -15.33 -8.34
N THR A 141 -5.96 -16.62 -8.51
CA THR A 141 -5.77 -17.49 -7.36
C THR A 141 -4.39 -17.31 -6.74
N ARG A 142 -3.47 -16.71 -7.50
CA ARG A 142 -2.11 -16.42 -7.03
C ARG A 142 -1.92 -14.93 -6.82
N LEU A 143 -1.13 -14.58 -5.81
CA LEU A 143 -0.83 -13.18 -5.55
C LEU A 143 0.03 -12.62 -6.67
N LYS A 144 -0.41 -11.50 -7.25
CA LYS A 144 0.32 -10.86 -8.34
C LYS A 144 0.81 -9.48 -7.91
N MET A 145 1.86 -9.03 -8.58
CA MET A 145 2.37 -7.68 -8.40
C MET A 145 2.67 -7.04 -9.75
N LEU A 146 2.73 -5.71 -9.76
CA LEU A 146 2.90 -4.95 -10.99
C LEU A 146 3.60 -3.64 -10.72
N GLU A 147 4.65 -3.34 -11.49
CA GLU A 147 5.29 -2.03 -11.42
C GLU A 147 4.47 -1.03 -12.20
N VAL A 148 4.11 0.07 -11.53
CA VAL A 148 3.29 1.13 -12.14
C VAL A 148 3.97 2.48 -12.03
N PRO A 149 4.15 3.18 -13.17
CA PRO A 149 4.71 4.53 -13.11
C PRO A 149 3.78 5.50 -12.41
N TYR A 150 4.34 6.43 -11.65
CA TYR A 150 3.58 7.59 -11.19
C TYR A 150 3.20 8.44 -12.41
N VAL A 151 1.96 8.95 -12.39
CA VAL A 151 1.43 9.76 -13.47
C VAL A 151 1.40 11.23 -13.03
N ASP A 152 1.85 12.13 -13.89
CA ASP A 152 1.88 13.55 -13.56
C ASP A 152 0.49 14.10 -13.27
N ARG A 153 0.41 15.08 -12.39
CA ARG A 153 -0.87 15.54 -11.86
C ARG A 153 -1.85 16.05 -12.93
N ASN A 154 -1.34 16.75 -13.94
CA ASN A 154 -2.23 17.24 -14.99
C ASN A 154 -2.78 16.13 -15.86
N SER A 155 -1.94 15.18 -16.28
CA SER A 155 -2.42 14.02 -17.03
C SER A 155 -3.45 13.25 -16.21
N CYS A 156 -3.20 13.19 -14.89
CA CYS A 156 -4.10 12.53 -13.96
C CYS A 156 -5.48 13.19 -13.95
N LYS A 157 -5.52 14.48 -13.63
CA LYS A 157 -6.78 15.21 -13.55
C LYS A 157 -7.59 15.18 -14.83
N LEU A 158 -6.89 15.28 -15.97
CA LEU A 158 -7.54 15.33 -17.28
C LEU A 158 -8.10 13.99 -17.75
N SER A 159 -7.67 12.91 -17.10
CA SER A 159 -8.05 11.56 -17.53
C SER A 159 -9.50 11.19 -17.20
N SER A 160 -10.14 11.97 -16.32
CA SER A 160 -11.48 11.64 -15.84
C SER A 160 -12.41 12.83 -15.69
N SER A 161 -13.70 12.58 -15.88
CA SER A 161 -14.74 13.57 -15.57
C SER A 161 -15.10 13.55 -14.08
N PHE A 162 -14.72 12.48 -13.38
CA PHE A 162 -14.75 12.46 -11.91
C PHE A 162 -13.66 13.35 -11.37
N ILE A 163 -13.90 13.93 -10.19
CA ILE A 163 -12.92 14.79 -9.57
C ILE A 163 -11.84 13.94 -8.88
N ILE A 164 -10.61 14.10 -9.33
CA ILE A 164 -9.49 13.46 -8.66
C ILE A 164 -8.88 14.50 -7.72
N THR A 165 -8.94 14.21 -6.42
CA THR A 165 -8.61 15.18 -5.38
C THR A 165 -7.15 15.12 -4.96
N GLN A 166 -6.75 16.07 -4.11
CA GLN A 166 -5.41 16.13 -3.54
C GLN A 166 -5.11 14.93 -2.63
N ASN A 167 -6.16 14.20 -2.22
CA ASN A 167 -5.99 13.00 -1.40
C ASN A 167 -5.85 11.72 -2.22
N MET A 168 -5.72 11.89 -3.54
CA MET A 168 -5.60 10.80 -4.50
C MET A 168 -4.38 11.01 -5.36
N PHE A 169 -3.87 9.94 -5.95
CA PHE A 169 -2.90 10.07 -7.05
C PHE A 169 -3.15 9.00 -8.11
N CYS A 170 -2.65 9.26 -9.31
CA CYS A 170 -2.75 8.31 -10.43
C CYS A 170 -1.44 7.56 -10.60
N ALA A 171 -1.56 6.27 -10.94
CA ALA A 171 -0.42 5.50 -11.37
C ALA A 171 -0.87 4.51 -12.42
N GLY A 172 0.04 4.17 -13.33
CA GLY A 172 -0.26 3.21 -14.38
C GLY A 172 0.16 3.71 -15.74
N TYR A 173 -0.53 3.21 -16.75
CA TYR A 173 -0.15 3.44 -18.13
C TYR A 173 -1.28 4.03 -18.93
N ASP A 174 -0.92 4.89 -19.88
CA ASP A 174 -1.88 5.44 -20.82
C ASP A 174 -2.60 4.32 -21.59
N THR A 175 -1.85 3.55 -22.39
CA THR A 175 -2.44 2.52 -23.26
C THR A 175 -1.99 1.08 -22.98
N LYS A 176 -0.80 0.92 -22.39
CA LYS A 176 -0.31 -0.42 -22.04
C LYS A 176 -1.33 -1.13 -21.15
N GLN A 177 -1.60 -2.39 -21.45
CA GLN A 177 -2.67 -3.13 -20.78
C GLN A 177 -2.23 -3.72 -19.44
N GLU A 178 -1.83 -2.85 -18.52
CA GLU A 178 -1.43 -3.26 -17.17
C GLU A 178 -2.03 -2.27 -16.18
N ASP A 179 -2.63 -2.79 -15.10
CA ASP A 179 -3.31 -1.96 -14.10
C ASP A 179 -3.68 -2.84 -12.92
N ALA A 180 -4.14 -2.21 -11.84
CA ALA A 180 -4.90 -2.94 -10.84
C ALA A 180 -6.35 -3.12 -11.34
N CYS A 181 -7.14 -3.90 -10.62
CA CYS A 181 -8.53 -4.13 -11.03
C CYS A 181 -9.40 -4.49 -9.83
N GLN A 182 -10.68 -4.72 -10.08
CA GLN A 182 -11.60 -5.07 -9.00
C GLN A 182 -11.05 -6.22 -8.15
N GLY A 183 -11.14 -6.08 -6.83
CA GLY A 183 -10.58 -7.09 -5.93
C GLY A 183 -9.19 -6.76 -5.41
N ASP A 184 -8.45 -5.93 -6.14
CA ASP A 184 -7.18 -5.39 -5.65
C ASP A 184 -7.45 -4.24 -4.70
N SER A 185 -8.65 -3.65 -4.82
CA SER A 185 -9.14 -2.56 -3.96
C SER A 185 -8.73 -2.75 -2.51
N GLY A 186 -8.19 -1.71 -1.89
CA GLY A 186 -7.80 -1.77 -0.49
C GLY A 186 -6.36 -2.19 -0.27
N GLY A 187 -5.76 -2.78 -1.30
CA GLY A 187 -4.42 -3.34 -1.19
C GLY A 187 -3.28 -2.33 -1.29
N PRO A 188 -2.04 -2.84 -1.19
CA PRO A 188 -0.84 -2.01 -1.15
C PRO A 188 -0.39 -1.44 -2.50
N HIS A 189 -0.04 -0.16 -2.47
CA HIS A 189 0.87 0.43 -3.44
C HIS A 189 2.07 0.83 -2.60
N VAL A 190 3.23 0.27 -2.94
CA VAL A 190 4.48 0.58 -2.22
C VAL A 190 5.51 1.19 -3.14
N THR A 191 6.39 2.01 -2.57
CA THR A 191 7.49 2.60 -3.30
C THR A 191 8.78 2.25 -2.60
N ARG A 192 9.74 1.74 -3.37
CA ARG A 192 11.05 1.39 -2.84
C ARG A 192 11.92 2.63 -2.75
N PHE A 193 12.60 2.77 -1.61
CA PHE A 193 13.64 3.75 -1.48
C PHE A 193 14.83 3.10 -0.82
N LYS A 194 15.96 3.05 -1.53
CA LYS A 194 17.17 2.40 -1.01
C LYS A 194 16.87 1.09 -0.30
N ASP A 195 16.30 0.13 -1.03
CA ASP A 195 16.04 -1.23 -0.51
C ASP A 195 15.05 -1.37 0.65
N THR A 196 14.22 -0.35 0.89
CA THR A 196 13.13 -0.45 1.88
C THR A 196 11.84 -0.02 1.20
N TYR A 197 10.77 -0.77 1.44
CA TYR A 197 9.47 -0.48 0.85
C TYR A 197 8.58 0.29 1.81
N PHE A 198 8.06 1.40 1.31
CA PHE A 198 7.15 2.25 2.07
C PHE A 198 5.77 2.19 1.43
N VAL A 199 4.72 2.07 2.23
CA VAL A 199 3.36 2.10 1.68
C VAL A 199 3.00 3.54 1.32
N THR A 200 2.74 3.76 0.03
CA THR A 200 2.48 5.10 -0.51
C THR A 200 1.03 5.26 -0.99
N GLY A 201 0.37 4.15 -1.28
CA GLY A 201 -1.00 4.23 -1.78
C GLY A 201 -1.89 3.10 -1.32
N ILE A 202 -3.19 3.35 -1.38
CA ILE A 202 -4.21 2.32 -1.19
C ILE A 202 -4.99 2.21 -2.50
N VAL A 203 -5.05 1.00 -3.06
CA VAL A 203 -5.77 0.79 -4.31
C VAL A 203 -7.22 1.25 -4.11
N SER A 204 -7.68 2.21 -4.92
CA SER A 204 -8.97 2.84 -4.67
C SER A 204 -10.02 2.66 -5.79
N TRP A 205 -9.78 3.25 -6.96
CA TRP A 205 -10.75 3.14 -8.03
C TRP A 205 -10.12 3.35 -9.40
N GLY A 206 -10.84 2.92 -10.43
CA GLY A 206 -10.49 3.25 -11.80
C GLY A 206 -11.76 3.20 -12.59
N GLU A 207 -11.74 3.78 -13.78
CA GLU A 207 -12.87 3.63 -14.70
C GLU A 207 -12.58 2.36 -15.50
N GLY A 208 -13.20 1.25 -15.08
CA GLY A 208 -12.82 -0.06 -15.61
C GLY A 208 -11.42 -0.44 -15.16
N CYS A 209 -10.73 -1.25 -15.96
CA CYS A 209 -9.34 -1.67 -15.68
C CYS A 209 -8.53 -1.62 -16.95
N ALA A 210 -7.36 -1.00 -16.86
CA ALA A 210 -6.40 -0.95 -17.95
C ALA A 210 -6.93 -0.32 -19.26
N ARG A 211 -7.92 0.58 -19.14
CA ARG A 211 -8.48 1.25 -20.32
C ARG A 211 -7.52 2.30 -20.86
N LYS A 212 -7.63 2.55 -22.21
CA LYS A 212 -6.86 3.60 -22.86
C LYS A 212 -7.23 4.97 -22.31
N GLY A 213 -6.19 5.69 -21.80
CA GLY A 213 -6.31 7.12 -21.29
C GLY A 213 -6.93 7.19 -19.90
N LYS A 214 -6.93 6.03 -19.29
CA LYS A 214 -7.41 5.91 -17.91
C LYS A 214 -6.23 5.28 -17.07
N TYR A 215 -6.16 5.75 -15.83
CA TYR A 215 -5.14 5.28 -14.89
C TYR A 215 -5.77 4.67 -13.64
N GLY A 216 -4.95 4.10 -12.78
CA GLY A 216 -5.43 3.65 -11.49
C GLY A 216 -5.39 4.81 -10.52
N ILE A 217 -6.43 4.91 -9.70
CA ILE A 217 -6.47 5.95 -8.68
C ILE A 217 -6.24 5.32 -7.31
N TYR A 218 -5.32 5.91 -6.56
CA TYR A 218 -4.89 5.42 -5.25
C TYR A 218 -5.10 6.50 -4.19
N THR A 219 -5.51 6.10 -3.00
CA THR A 219 -5.52 7.01 -1.86
C THR A 219 -4.07 7.35 -1.52
N LYS A 220 -3.80 8.65 -1.36
CA LYS A 220 -2.45 9.14 -1.09
C LYS A 220 -2.17 9.01 0.41
N VAL A 221 -1.38 8.00 0.77
CA VAL A 221 -1.10 7.73 2.19
C VAL A 221 -0.46 8.91 2.92
N THR A 222 0.43 9.65 2.25
CA THR A 222 1.07 10.81 2.91
C THR A 222 0.06 11.85 3.42
N ALA A 223 -1.11 11.92 2.78
CA ALA A 223 -2.16 12.86 3.18
C ALA A 223 -2.84 12.45 4.48
N PHE A 224 -2.56 11.22 4.94
CA PHE A 224 -3.24 10.62 6.10
C PHE A 224 -2.33 10.08 7.17
N LEU A 225 -1.06 10.47 7.17
CA LEU A 225 -0.13 9.88 8.13
C LEU A 225 -0.47 10.18 9.59
N LYS A 226 -0.89 11.41 9.90
CA LYS A 226 -1.31 11.72 11.27
C LYS A 226 -2.59 10.97 11.64
N TRP A 227 -3.52 10.88 10.69
CA TRP A 227 -4.78 10.16 10.89
C TRP A 227 -4.51 8.68 11.18
N ILE A 228 -3.59 8.08 10.42
CA ILE A 228 -3.21 6.68 10.63
C ILE A 228 -2.56 6.51 12.00
N ASP A 229 -1.65 7.42 12.35
CA ASP A 229 -0.97 7.36 13.64
C ASP A 229 -1.96 7.47 14.79
N ARG A 230 -2.92 8.39 14.68
CA ARG A 230 -3.96 8.53 15.71
C ARG A 230 -4.83 7.29 15.81
N SER A 231 -5.16 6.68 14.66
CA SER A 231 -5.98 5.48 14.63
C SER A 231 -5.27 4.27 15.25
N MET A 232 -3.95 4.21 15.09
CA MET A 232 -3.13 3.11 15.59
C MET A 232 -2.72 3.29 17.06
N LYS B 5 18.08 23.03 0.52
CA LYS B 5 18.81 22.40 -0.62
C LYS B 5 19.55 21.14 -0.19
N LEU B 6 19.81 21.01 1.11
CA LEU B 6 20.66 19.95 1.65
C LEU B 6 20.19 18.51 1.37
N CYS B 7 18.87 18.30 1.34
CA CYS B 7 18.31 16.97 1.09
C CYS B 7 17.98 16.72 -0.39
N SER B 8 18.19 17.73 -1.22
CA SER B 8 17.82 17.69 -2.64
C SER B 8 18.75 16.83 -3.51
N LEU B 9 19.95 16.56 -3.01
CA LEU B 9 20.95 15.78 -3.74
C LEU B 9 21.34 14.57 -2.91
N ASP B 10 21.12 13.39 -3.47
CA ASP B 10 21.47 12.12 -2.81
C ASP B 10 20.80 11.92 -1.46
N ASN B 11 19.64 12.55 -1.25
CA ASN B 11 18.89 12.41 0.01
C ASN B 11 19.73 12.75 1.25
N GLY B 12 20.71 13.65 1.07
CA GLY B 12 21.61 14.00 2.17
C GLY B 12 22.43 12.84 2.68
N ASP B 13 22.57 11.81 1.83
CA ASP B 13 23.23 10.53 2.18
C ASP B 13 22.49 9.72 3.26
N CYS B 14 21.23 10.07 3.57
CA CYS B 14 20.45 9.35 4.56
C CYS B 14 19.90 8.08 3.96
N ASP B 15 19.84 7.00 4.76
CA ASP B 15 19.23 5.74 4.31
C ASP B 15 17.73 5.89 4.13
N GLN B 16 17.10 6.66 5.02
CA GLN B 16 15.66 6.81 5.01
C GLN B 16 15.30 8.29 4.99
N PHE B 17 14.85 8.85 6.11
CA PHE B 17 14.33 10.22 6.08
C PHE B 17 15.44 11.27 6.18
N CYS B 18 15.29 12.35 5.42
CA CYS B 18 16.24 13.47 5.43
C CYS B 18 15.48 14.75 5.72
N HIS B 19 16.06 15.57 6.61
CA HIS B 19 15.55 16.90 6.91
C HIS B 19 16.72 17.86 7.07
N GLU B 20 16.40 19.14 7.06
CA GLU B 20 17.40 20.19 7.24
C GLU B 20 17.01 21.02 8.47
N GLU B 21 17.93 21.09 9.43
CA GLU B 21 17.72 21.84 10.66
C GLU B 21 18.97 22.65 10.98
N GLN B 22 18.76 23.94 11.22
CA GLN B 22 19.84 24.90 11.48
C GLN B 22 21.00 24.74 10.49
N ASN B 23 20.64 24.65 9.21
CA ASN B 23 21.60 24.56 8.10
C ASN B 23 22.51 23.32 8.15
N SER B 24 21.97 22.21 8.64
CA SER B 24 22.68 20.93 8.62
C SER B 24 21.71 19.78 8.32
N VAL B 25 22.23 18.70 7.73
CA VAL B 25 21.42 17.51 7.44
C VAL B 25 21.12 16.76 8.73
N VAL B 26 19.87 16.37 8.91
CA VAL B 26 19.50 15.46 10.00
C VAL B 26 18.79 14.27 9.38
N CYS B 27 19.34 13.08 9.58
CA CYS B 27 18.71 11.85 9.11
C CYS B 27 17.90 11.23 10.23
N SER B 28 16.89 10.45 9.84
CA SER B 28 16.07 9.71 10.79
C SER B 28 15.52 8.46 10.10
N CYS B 29 14.83 7.63 10.87
CA CYS B 29 14.43 6.32 10.39
C CYS B 29 13.00 6.01 10.82
N ALA B 30 12.39 5.02 10.17
CA ALA B 30 11.06 4.54 10.54
C ALA B 30 11.12 3.80 11.87
N ARG B 31 9.95 3.63 12.50
CA ARG B 31 9.85 2.82 13.72
C ARG B 31 10.42 1.44 13.45
N GLY B 32 11.16 0.91 14.43
CA GLY B 32 11.82 -0.39 14.27
C GLY B 32 13.22 -0.30 13.67
N TYR B 33 13.69 0.92 13.43
CA TYR B 33 15.06 1.16 12.98
C TYR B 33 15.73 2.16 13.92
N THR B 34 17.04 2.07 14.03
CA THR B 34 17.80 3.07 14.78
C THR B 34 18.92 3.62 13.91
N LEU B 35 19.26 4.89 14.16
CA LEU B 35 20.32 5.53 13.40
C LEU B 35 21.67 4.95 13.81
N ALA B 36 22.49 4.62 12.82
CA ALA B 36 23.84 4.12 13.07
C ALA B 36 24.73 5.22 13.64
N ASP B 37 25.91 4.83 14.12
CA ASP B 37 26.90 5.78 14.66
C ASP B 37 27.14 6.95 13.72
N ASN B 38 27.12 6.70 12.43
CA ASN B 38 27.45 7.72 11.42
C ASN B 38 26.34 8.73 11.18
N GLY B 39 25.20 8.52 11.82
CA GLY B 39 24.06 9.45 11.70
C GLY B 39 23.37 9.44 10.34
N LYS B 40 23.64 8.43 9.53
CA LYS B 40 23.06 8.33 8.19
C LYS B 40 22.30 7.01 7.97
N ALA B 41 22.93 5.89 8.32
CA ALA B 41 22.36 4.57 8.06
C ALA B 41 21.28 4.19 9.07
N CYS B 42 20.35 3.34 8.62
CA CYS B 42 19.26 2.88 9.48
C CYS B 42 19.41 1.38 9.71
N ILE B 43 19.53 1.01 10.97
CA ILE B 43 19.76 -0.37 11.39
C ILE B 43 18.48 -0.92 12.04
N PRO B 44 17.98 -2.07 11.56
CA PRO B 44 16.80 -2.67 12.20
C PRO B 44 17.05 -2.97 13.67
N THR B 45 16.05 -2.75 14.51
CA THR B 45 16.18 -2.97 15.95
C THR B 45 15.65 -4.34 16.39
N GLY B 46 15.11 -5.09 15.44
CA GLY B 46 14.54 -6.39 15.74
C GLY B 46 14.24 -7.14 14.47
N PRO B 47 13.73 -8.37 14.61
CA PRO B 47 13.34 -9.21 13.48
C PRO B 47 12.14 -8.64 12.73
N TYR B 48 12.04 -8.99 11.45
CA TYR B 48 10.95 -8.54 10.57
C TYR B 48 10.74 -7.02 10.60
N PRO B 49 11.82 -6.27 10.30
CA PRO B 49 11.67 -4.81 10.27
C PRO B 49 10.75 -4.41 9.12
N CYS B 50 10.08 -3.28 9.25
CA CYS B 50 9.13 -2.89 8.22
C CYS B 50 9.81 -2.67 6.87
N GLY B 51 9.08 -2.97 5.81
CA GLY B 51 9.53 -2.64 4.46
C GLY B 51 10.62 -3.53 3.89
N LYS B 52 10.92 -4.64 4.57
CA LYS B 52 11.89 -5.60 4.06
C LYS B 52 11.19 -6.88 3.66
N GLN B 53 11.59 -7.42 2.51
CA GLN B 53 11.13 -8.73 2.07
C GLN B 53 11.63 -9.79 3.05
N THR B 54 10.90 -10.89 3.16
CA THR B 54 11.22 -11.91 4.17
C THR B 54 12.17 -12.98 3.64
C4 443 C . -13.93 -0.41 -11.50
C8 443 C . -11.63 -1.13 -10.03
C10 443 C . -10.36 -0.38 -8.14
C13 443 C . -7.10 0.85 -9.37
C15 443 C . -7.23 0.62 -10.75
C17 443 C . -9.45 -0.27 -10.41
C22 443 C . -16.91 3.49 -11.42
C24 443 C . -16.82 4.96 -9.41
C26 443 C . -16.18 2.55 -9.20
C28 443 C . -15.26 6.76 -8.49
O1 443 C . -13.57 1.30 -9.78
C2 443 C . -14.58 0.56 -10.50
S5 443 C . -13.12 -1.80 -10.68
O6 443 C . -13.89 -2.23 -9.55
O7 443 C . -12.73 -2.72 -11.69
C9 443 C . -11.50 -0.91 -8.65
C11 443 C . -9.30 -0.04 -9.01
C12 443 C . -8.12 0.52 -8.52
CL14 443 C . -5.64 1.57 -8.73
C16 443 C . -8.38 0.07 -11.26
C18 443 C . -10.63 -0.83 -10.90
C19 443 C . -15.40 1.55 -11.31
O20 443 C . -15.38 1.51 -12.52
N21 443 C . -16.13 2.49 -10.67
C23 443 C . -16.53 4.90 -10.92
C25 443 C . -15.90 3.96 -8.68
N27 443 C . -16.62 6.29 -8.80
C29 443 C . -15.18 8.29 -8.46
C30 443 C . -16.28 8.86 -7.56
N31 443 C . -17.57 8.26 -7.90
C32 443 C . -17.69 7.05 -8.48
O33 443 C . -18.80 6.64 -8.72
C1 EDO D . -9.23 7.84 -14.37
O1 EDO D . -7.89 7.79 -14.83
C2 EDO D . -9.61 6.57 -13.60
O2 EDO D . -9.43 5.42 -14.39
C1 EDO E . -15.61 -7.27 10.37
O1 EDO E . -16.78 -7.98 10.04
C2 EDO E . -15.90 -5.78 10.28
O2 EDO E . -16.95 -5.45 11.16
C1 EDO F . -17.12 0.07 -15.12
O1 EDO F . -16.06 -0.82 -14.85
C2 EDO F . -18.41 -0.50 -14.55
O2 EDO F . -18.29 -0.69 -13.17
CA CA G . 9.33 15.76 7.97
CA CA H . -4.63 3.05 -19.14
CA CA I . -4.01 -20.28 0.54
C1 EDO J . 13.60 25.19 14.51
O1 EDO J . 14.90 25.47 14.02
C2 EDO J . 12.67 24.88 13.36
O2 EDO J . 12.97 23.62 12.81
#